data_4CS4
#
_entry.id   4CS4
#
_cell.length_a   102.075
_cell.length_b   44.533
_cell.length_c   64.359
_cell.angle_alpha   90.00
_cell.angle_beta   99.66
_cell.angle_gamma   90.00
#
_symmetry.space_group_name_H-M   'C 1 2 1'
#
loop_
_entity.id
_entity.type
_entity.pdbx_description
1 polymer 'PYRROLYSYL-TRNA SYNTHETASE'
2 non-polymer 'PHOSPHOAMINOPHOSPHONIC ACID-ADENYLATE ESTER'
3 non-polymer 1,2-ETHANEDIOL
4 non-polymer 'MAGNESIUM ION'
5 non-polymer '2-{[dihydroxy(4-aminoethylphenyl)-{4}-sulfanyl]amino}-3-hydroxypropanoic acid'
6 non-polymer 'PHOSPHATE ION'
7 water water
#
_entity_poly.entity_id   1
_entity_poly.type   'polypeptide(L)'
_entity_poly.pdbx_seq_one_letter_code
;MPALTKSQTDRLEVLLNPKDEISLNSGKPFRELESELLSRRKKDLQQIYAEERENYLGKLEREITRFFVDRGFLEIKSPI
LIPLEYIERMGIDNDTELSKQIFRVDKNFCLRPMLAPNLANYLRKLDRALPDPIKIFEIGPCYRKESDGKEHLEEFTMLN
FCQMGSGCTRENLESIITDFLNHLGIDFKIVGDSCMVFGDTLDVMHGDLELSSAVVGPIPLDREWGIDKPWIGAGFGLER
LLKVKHDFKNIKRAARSESYYNGISTNLHHHHHH
;
_entity_poly.pdbx_strand_id   A
#
loop_
_chem_comp.id
_chem_comp.type
_chem_comp.name
_chem_comp.formula
ANP non-polymer 'PHOSPHOAMINOPHOSPHONIC ACID-ADENYLATE ESTER' 'C10 H17 N6 O12 P3'
AXZ non-polymer '2-{[dihydroxy(4-aminoethylphenyl)-{4}-sulfanyl]amino}-3-hydroxypropanoic acid' 'C11 H18 N2 O5 S'
EDO non-polymer 1,2-ETHANEDIOL 'C2 H6 O2'
MG non-polymer 'MAGNESIUM ION' 'Mg 2'
PO4 non-polymer 'PHOSPHATE ION' 'O4 P -3'
#
# COMPACT_ATOMS: atom_id res chain seq x y z
N ALA A 3 21.61 30.53 9.00
CA ALA A 3 21.75 29.28 9.73
C ALA A 3 20.47 29.02 10.51
N LEU A 4 19.93 27.82 10.32
CA LEU A 4 18.69 27.41 10.95
C LEU A 4 18.93 26.34 12.00
N THR A 5 18.13 26.38 13.05
CA THR A 5 18.11 25.29 14.01
C THR A 5 17.43 24.09 13.36
N LYS A 6 17.62 22.93 13.96
CA LYS A 6 16.97 21.73 13.45
C LYS A 6 15.45 21.92 13.44
N SER A 7 14.90 22.54 14.49
CA SER A 7 13.46 22.76 14.56
C SER A 7 12.94 23.64 13.40
N GLN A 8 13.70 24.68 13.08
CA GLN A 8 13.38 25.56 11.96
C GLN A 8 13.47 24.79 10.64
N THR A 9 14.54 24.02 10.48
CA THR A 9 14.70 23.23 9.28
C THR A 9 13.55 22.23 9.10
N ASP A 10 13.19 21.57 10.20
CA ASP A 10 12.04 20.65 10.20
C ASP A 10 10.77 21.36 9.76
N ARG A 11 10.56 22.58 10.26
CA ARG A 11 9.34 23.29 9.94
C ARG A 11 9.26 23.62 8.45
N LEU A 12 10.38 24.05 7.88
CA LEU A 12 10.37 24.35 6.47
C LEU A 12 10.21 23.06 5.66
N GLU A 13 10.84 21.99 6.12
CA GLU A 13 10.74 20.72 5.40
C GLU A 13 9.31 20.27 5.27
N VAL A 14 8.56 20.34 6.35
CA VAL A 14 7.20 19.88 6.30
C VAL A 14 6.31 20.75 5.41
N LEU A 15 6.65 22.02 5.22
CA LEU A 15 5.91 22.93 4.37
C LEU A 15 6.32 22.84 2.92
N LEU A 16 7.47 22.24 2.65
CA LEU A 16 7.94 22.13 1.28
C LEU A 16 7.16 21.01 0.66
N ASN A 17 6.99 21.08 -0.64
CA ASN A 17 6.33 20.04 -1.43
C ASN A 17 7.14 19.71 -2.64
N PRO A 18 6.93 18.53 -3.23
CA PRO A 18 7.75 18.14 -4.39
C PRO A 18 7.65 19.16 -5.52
N LYS A 19 6.54 19.90 -5.56
CA LYS A 19 6.35 20.91 -6.60
C LYS A 19 7.22 22.14 -6.35
N ASP A 20 7.79 22.25 -5.14
CA ASP A 20 8.66 23.39 -4.84
C ASP A 20 10.05 23.23 -5.39
N GLU A 21 10.68 24.37 -5.59
CA GLU A 21 12.03 24.46 -6.08
C GLU A 21 12.93 24.29 -4.86
N ILE A 22 13.74 23.24 -4.85
CA ILE A 22 14.70 23.02 -3.78
C ILE A 22 16.10 22.95 -4.38
N SER A 23 16.81 24.06 -4.26
CA SER A 23 18.10 24.22 -4.93
C SER A 23 19.12 24.87 -3.99
N LEU A 24 18.88 26.15 -3.66
CA LEU A 24 19.81 26.95 -2.85
C LEU A 24 19.31 27.22 -1.43
N ASN A 25 20.20 27.75 -0.59
CA ASN A 25 19.81 28.24 0.72
C ASN A 25 19.48 29.68 0.53
N SER A 26 18.35 30.09 1.04
CA SER A 26 17.97 31.49 0.94
C SER A 26 18.60 32.31 2.05
N GLY A 27 18.88 33.57 1.74
CA GLY A 27 19.39 34.50 2.73
C GLY A 27 18.27 35.17 3.49
N LYS A 28 17.03 34.82 3.15
CA LYS A 28 15.89 35.40 3.85
C LYS A 28 15.81 34.82 5.26
N PRO A 29 15.29 35.62 6.21
CA PRO A 29 15.06 35.11 7.56
C PRO A 29 14.04 33.98 7.55
N PHE A 30 14.13 33.13 8.55
CA PHE A 30 13.25 31.99 8.68
C PHE A 30 11.79 32.39 8.52
N ARG A 31 11.40 33.49 9.15
CA ARG A 31 9.99 33.88 9.13
C ARG A 31 9.49 34.16 7.73
N GLU A 32 10.34 34.72 6.90
CA GLU A 32 9.97 35.07 5.55
C GLU A 32 9.83 33.82 4.69
N LEU A 33 10.75 32.89 4.88
CA LEU A 33 10.68 31.60 4.21
C LEU A 33 9.42 30.87 4.61
N GLU A 34 9.15 30.84 5.90
CA GLU A 34 7.93 30.18 6.38
C GLU A 34 6.69 30.80 5.77
N SER A 35 6.63 32.13 5.73
CA SER A 35 5.46 32.80 5.22
C SER A 35 5.25 32.49 3.74
N GLU A 36 6.33 32.51 2.96
CA GLU A 36 6.24 32.19 1.54
C GLU A 36 5.66 30.77 1.33
N LEU A 37 6.19 29.77 2.04
CA LEU A 37 5.74 28.39 1.88
C LEU A 37 4.30 28.24 2.37
N LEU A 38 3.97 28.91 3.46
CA LEU A 38 2.56 28.90 3.92
C LEU A 38 1.64 29.38 2.82
N SER A 39 1.97 30.49 2.15
CA SER A 39 1.09 31.01 1.10
C SER A 39 0.97 30.00 -0.04
N ARG A 40 2.09 29.37 -0.39
CA ARG A 40 2.06 28.35 -1.44
C ARG A 40 1.17 27.18 -1.09
N ARG A 41 1.29 26.67 0.12
CA ARG A 41 0.49 25.53 0.54
C ARG A 41 -1.00 25.87 0.68
N LYS A 42 -1.30 27.07 1.13
CA LYS A 42 -2.70 27.52 1.12
C LYS A 42 -3.26 27.55 -0.29
N LYS A 43 -2.48 28.07 -1.22
CA LYS A 43 -2.89 28.10 -2.62
C LYS A 43 -3.11 26.70 -3.16
N ASP A 44 -2.25 25.76 -2.80
CA ASP A 44 -2.39 24.39 -3.26
C ASP A 44 -3.73 23.81 -2.77
N LEU A 45 -4.04 24.04 -1.51
CA LEU A 45 -5.30 23.55 -0.96
C LEU A 45 -6.49 24.25 -1.61
N GLN A 46 -6.36 25.54 -1.88
CA GLN A 46 -7.44 26.28 -2.54
C GLN A 46 -7.68 25.72 -3.94
N GLN A 47 -6.61 25.36 -4.63
CA GLN A 47 -6.74 24.80 -5.98
C GLN A 47 -7.45 23.45 -5.94
N ILE A 48 -7.02 22.56 -5.03
CA ILE A 48 -7.71 21.26 -4.85
C ILE A 48 -9.20 21.49 -4.55
N TYR A 49 -9.48 22.44 -3.67
CA TYR A 49 -10.87 22.70 -3.26
C TYR A 49 -11.72 23.23 -4.41
N ALA A 50 -11.11 24.06 -5.27
CA ALA A 50 -11.80 24.64 -6.40
C ALA A 50 -12.00 23.66 -7.54
N GLU A 51 -11.09 22.71 -7.65
CA GLU A 51 -11.08 21.79 -8.78
C GLU A 51 -11.66 20.43 -8.39
N GLU A 52 -10.80 19.45 -8.13
CA GLU A 52 -11.26 18.07 -8.03
C GLU A 52 -11.85 17.67 -6.68
N ARG A 53 -11.30 18.23 -5.61
CA ARG A 53 -11.73 17.95 -4.24
C ARG A 53 -11.56 16.50 -3.81
N GLU A 54 -10.73 15.75 -4.52
CA GLU A 54 -10.50 14.35 -4.19
C GLU A 54 -9.22 14.14 -3.41
N ASN A 55 -9.29 13.25 -2.47
CA ASN A 55 -8.13 12.81 -1.74
C ASN A 55 -7.32 11.86 -2.56
N TYR A 56 -6.01 12.06 -2.63
CA TYR A 56 -5.22 11.28 -3.56
C TYR A 56 -5.23 9.82 -3.23
N LEU A 57 -5.30 9.47 -1.95
CA LEU A 57 -5.35 8.06 -1.57
C LEU A 57 -6.71 7.43 -1.95
N GLY A 58 -7.78 8.13 -1.66
CA GLY A 58 -9.10 7.70 -2.11
C GLY A 58 -9.19 7.56 -3.62
N LYS A 59 -8.65 8.54 -4.35
CA LYS A 59 -8.71 8.54 -5.79
C LYS A 59 -7.95 7.35 -6.36
N LEU A 60 -6.75 7.09 -5.83
CA LEU A 60 -5.96 5.94 -6.27
C LEU A 60 -6.73 4.65 -6.01
N GLU A 61 -7.33 4.55 -4.84
CA GLU A 61 -8.11 3.36 -4.52
C GLU A 61 -9.23 3.17 -5.55
N ARG A 62 -9.89 4.24 -5.94
CA ARG A 62 -10.96 4.14 -6.94
C ARG A 62 -10.43 3.75 -8.34
N GLU A 63 -9.28 4.29 -8.71
CA GLU A 63 -8.70 3.99 -9.98
C GLU A 63 -8.28 2.52 -10.04
N ILE A 64 -7.69 2.05 -8.95
CA ILE A 64 -7.27 0.64 -8.87
C ILE A 64 -8.49 -0.29 -8.89
N THR A 65 -9.53 0.08 -8.17
CA THR A 65 -10.76 -0.69 -8.15
C THR A 65 -11.31 -0.84 -9.57
N ARG A 66 -11.40 0.27 -10.30
CA ARG A 66 -11.94 0.23 -11.64
C ARG A 66 -11.08 -0.66 -12.53
N PHE A 67 -9.76 -0.55 -12.40
CA PHE A 67 -8.85 -1.37 -13.19
C PHE A 67 -9.16 -2.86 -13.04
N PHE A 68 -9.26 -3.31 -11.80
CA PHE A 68 -9.45 -4.75 -11.53
C PHE A 68 -10.86 -5.23 -11.85
N VAL A 69 -11.87 -4.45 -11.50
CA VAL A 69 -13.25 -4.78 -11.86
C VAL A 69 -13.42 -4.88 -13.36
N ASP A 70 -12.84 -3.95 -14.11
CA ASP A 70 -13.00 -3.98 -15.55
C ASP A 70 -12.32 -5.19 -16.20
N ARG A 71 -11.36 -5.78 -15.52
CA ARG A 71 -10.61 -6.87 -16.02
C ARG A 71 -11.02 -8.22 -15.40
N GLY A 72 -12.19 -8.25 -14.81
CA GLY A 72 -12.83 -9.49 -14.43
C GLY A 72 -12.58 -9.97 -13.02
N PHE A 73 -12.05 -9.08 -12.17
CA PHE A 73 -11.80 -9.45 -10.77
C PHE A 73 -12.95 -8.95 -9.91
N LEU A 74 -13.42 -9.84 -9.03
CA LEU A 74 -14.45 -9.49 -8.09
C LEU A 74 -13.93 -8.67 -6.92
N GLU A 75 -14.61 -7.55 -6.66
CA GLU A 75 -14.29 -6.69 -5.53
C GLU A 75 -14.76 -7.22 -4.18
N ILE A 76 -13.81 -7.43 -3.28
CA ILE A 76 -14.08 -7.95 -1.95
C ILE A 76 -13.96 -6.82 -0.90
N LYS A 77 -14.84 -6.82 0.09
CA LYS A 77 -14.69 -5.99 1.28
C LYS A 77 -14.87 -6.84 2.51
N SER A 78 -13.75 -7.23 3.08
CA SER A 78 -13.74 -8.15 4.23
C SER A 78 -13.33 -7.42 5.50
N PRO A 79 -13.46 -8.09 6.65
CA PRO A 79 -13.19 -7.41 7.92
C PRO A 79 -11.74 -7.00 8.06
N ILE A 80 -11.57 -5.84 8.69
CA ILE A 80 -10.25 -5.38 9.09
C ILE A 80 -9.81 -5.99 10.42
N LEU A 81 -10.78 -6.16 11.32
CA LEU A 81 -10.57 -6.86 12.56
C LEU A 81 -10.74 -8.36 12.32
N ILE A 82 -9.70 -9.14 12.55
CA ILE A 82 -9.70 -10.57 12.26
C ILE A 82 -9.14 -11.37 13.44
N PRO A 83 -9.45 -12.68 13.49
CA PRO A 83 -8.90 -13.49 14.57
C PRO A 83 -7.38 -13.61 14.52
N LEU A 84 -6.77 -13.60 15.69
CA LEU A 84 -5.33 -13.88 15.79
C LEU A 84 -5.04 -15.25 15.20
N GLU A 85 -6.01 -16.14 15.31
CA GLU A 85 -5.87 -17.49 14.80
C GLU A 85 -5.55 -17.49 13.28
N TYR A 86 -6.06 -16.51 12.54
CA TYR A 86 -5.79 -16.46 11.11
C TYR A 86 -4.31 -16.24 10.92
N ILE A 87 -3.73 -15.41 11.77
CA ILE A 87 -2.32 -15.12 11.69
C ILE A 87 -1.49 -16.36 12.01
N GLU A 88 -1.89 -17.06 13.06
CA GLU A 88 -1.21 -18.31 13.44
C GLU A 88 -1.25 -19.30 12.31
N ARG A 89 -2.37 -19.40 11.65
CA ARG A 89 -2.54 -20.33 10.57
C ARG A 89 -1.83 -19.91 9.28
N MET A 90 -1.35 -18.68 9.19
CA MET A 90 -0.45 -18.28 8.11
C MET A 90 0.97 -18.71 8.44
N GLY A 91 1.14 -19.37 9.58
CA GLY A 91 2.44 -19.82 10.01
C GLY A 91 3.16 -18.83 10.91
N ILE A 92 2.46 -17.80 11.35
CA ILE A 92 3.05 -16.74 12.15
C ILE A 92 2.66 -16.94 13.61
N ASP A 93 3.38 -17.82 14.31
CA ASP A 93 3.08 -18.09 15.72
C ASP A 93 3.72 -16.99 16.59
N ASN A 94 3.35 -16.95 17.85
CA ASN A 94 3.72 -15.83 18.68
C ASN A 94 5.15 -15.84 19.20
N ASP A 95 5.89 -16.85 18.81
CA ASP A 95 7.32 -16.94 19.12
C ASP A 95 8.14 -16.63 17.88
N THR A 96 7.53 -15.89 16.95
CA THR A 96 8.23 -15.42 15.77
C THR A 96 8.42 -13.91 15.84
N GLU A 97 9.48 -13.43 15.22
CA GLU A 97 9.75 -12.01 15.18
C GLU A 97 8.62 -11.25 14.48
N LEU A 98 8.03 -11.87 13.47
CA LEU A 98 6.96 -11.22 12.70
C LEU A 98 5.75 -10.91 13.56
N SER A 99 5.51 -11.76 14.55
CA SER A 99 4.32 -11.62 15.38
C SER A 99 4.37 -10.32 16.18
N LYS A 100 5.59 -9.78 16.35
CA LYS A 100 5.79 -8.55 17.09
C LYS A 100 5.16 -7.34 16.40
N GLN A 101 4.84 -7.48 15.12
CA GLN A 101 4.26 -6.38 14.37
C GLN A 101 2.75 -6.29 14.50
N ILE A 102 2.14 -7.25 15.18
CA ILE A 102 0.69 -7.36 15.20
C ILE A 102 0.06 -6.40 16.21
N PHE A 103 -0.90 -5.62 15.73
CA PHE A 103 -1.73 -4.79 16.58
C PHE A 103 -2.87 -5.64 17.10
N ARG A 104 -2.74 -6.04 18.37
CA ARG A 104 -3.72 -6.88 19.02
C ARG A 104 -4.90 -6.05 19.50
N VAL A 105 -6.07 -6.66 19.39
CA VAL A 105 -7.31 -6.06 19.87
C VAL A 105 -8.04 -7.11 20.71
N ASP A 106 -8.31 -6.80 21.95
CA ASP A 106 -8.74 -7.82 22.92
C ASP A 106 -7.90 -9.11 22.85
N LYS A 107 -8.42 -10.18 23.40
CA LYS A 107 -7.59 -11.34 23.59
C LYS A 107 -7.37 -12.14 22.33
N ASN A 108 -8.36 -12.13 21.46
CA ASN A 108 -8.37 -13.03 20.35
C ASN A 108 -8.36 -12.40 18.98
N PHE A 109 -8.35 -11.10 18.88
CA PHE A 109 -8.45 -10.43 17.58
C PHE A 109 -7.29 -9.48 17.37
N CYS A 110 -7.12 -9.07 16.15
CA CYS A 110 -6.10 -8.14 15.77
C CYS A 110 -6.57 -7.31 14.60
N LEU A 111 -5.91 -6.20 14.37
CA LEU A 111 -6.04 -5.48 13.12
C LEU A 111 -5.23 -6.23 12.08
N ARG A 112 -5.82 -6.55 10.95
CA ARG A 112 -5.15 -7.37 9.95
C ARG A 112 -3.86 -6.71 9.44
N PRO A 113 -2.74 -7.44 9.46
CA PRO A 113 -1.49 -6.92 8.90
C PRO A 113 -1.34 -7.18 7.41
N MET A 114 -2.30 -7.91 6.84
CA MET A 114 -2.23 -8.40 5.46
C MET A 114 -3.64 -8.80 5.06
N LEU A 115 -3.87 -9.01 3.78
CA LEU A 115 -5.18 -9.40 3.28
C LEU A 115 -5.27 -10.90 2.96
N ALA A 116 -4.14 -11.59 2.95
CA ALA A 116 -4.09 -12.96 2.43
C ALA A 116 -5.06 -13.96 3.08
N PRO A 117 -5.14 -14.01 4.43
CA PRO A 117 -6.06 -14.99 5.00
C PRO A 117 -7.51 -14.79 4.59
N ASN A 118 -7.95 -13.54 4.58
CA ASN A 118 -9.30 -13.22 4.22
C ASN A 118 -9.57 -13.64 2.77
N LEU A 119 -8.65 -13.34 1.88
CA LEU A 119 -8.80 -13.69 0.48
C LEU A 119 -8.70 -15.21 0.25
N ALA A 120 -7.88 -15.90 1.04
CA ALA A 120 -7.86 -17.36 0.98
C ALA A 120 -9.22 -17.92 1.32
N ASN A 121 -9.82 -17.44 2.37
CA ASN A 121 -11.17 -17.85 2.71
C ASN A 121 -12.15 -17.57 1.58
N TYR A 122 -12.05 -16.39 0.99
CA TYR A 122 -12.91 -16.07 -0.14
C TYR A 122 -12.68 -16.96 -1.36
N LEU A 123 -11.42 -17.32 -1.65
CA LEU A 123 -11.16 -18.22 -2.77
C LEU A 123 -11.81 -19.57 -2.53
N ARG A 124 -11.63 -20.09 -1.33
CA ARG A 124 -12.20 -21.40 -0.99
C ARG A 124 -13.74 -21.36 -1.12
N LYS A 125 -14.35 -20.31 -0.62
CA LYS A 125 -15.80 -20.20 -0.62
C LYS A 125 -16.35 -19.99 -2.02
N LEU A 126 -15.70 -19.11 -2.77
CA LEU A 126 -16.18 -18.77 -4.11
C LEU A 126 -16.00 -19.91 -5.11
N ASP A 127 -15.09 -20.83 -4.78
CA ASP A 127 -14.87 -22.01 -5.62
C ASP A 127 -16.14 -22.84 -5.76
N ARG A 128 -17.06 -22.70 -4.81
CA ARG A 128 -18.32 -23.44 -4.85
C ARG A 128 -19.37 -22.82 -5.80
N ALA A 129 -19.10 -21.60 -6.28
CA ALA A 129 -20.07 -20.86 -7.09
C ALA A 129 -19.53 -20.40 -8.45
N LEU A 130 -18.26 -19.97 -8.52
CA LEU A 130 -17.81 -19.23 -9.71
C LEU A 130 -17.07 -20.09 -10.72
N PRO A 131 -17.18 -19.73 -12.02
CA PRO A 131 -16.46 -20.44 -13.07
C PRO A 131 -14.98 -20.10 -13.09
N ASP A 132 -14.23 -20.95 -13.76
CA ASP A 132 -12.80 -20.80 -13.88
C ASP A 132 -12.45 -19.75 -14.92
N PRO A 133 -11.44 -18.92 -14.65
CA PRO A 133 -10.68 -18.80 -13.41
C PRO A 133 -11.40 -17.87 -12.43
N ILE A 134 -11.13 -18.04 -11.15
CA ILE A 134 -11.67 -17.17 -10.12
C ILE A 134 -10.65 -16.06 -9.85
N LYS A 135 -11.11 -14.83 -10.03
CA LYS A 135 -10.27 -13.66 -9.89
C LYS A 135 -10.94 -12.67 -8.94
N ILE A 136 -10.21 -12.34 -7.88
CA ILE A 136 -10.72 -11.46 -6.84
C ILE A 136 -9.65 -10.47 -6.39
N PHE A 137 -10.07 -9.38 -5.77
CA PHE A 137 -9.13 -8.45 -5.19
C PHE A 137 -9.76 -7.71 -4.03
N GLU A 138 -8.92 -7.19 -3.14
CA GLU A 138 -9.38 -6.32 -2.08
C GLU A 138 -8.38 -5.18 -1.91
N ILE A 139 -8.92 -4.00 -1.61
CA ILE A 139 -8.15 -2.83 -1.19
C ILE A 139 -8.66 -2.41 0.17
N GLY A 140 -7.75 -2.20 1.12
CA GLY A 140 -8.16 -1.59 2.36
C GLY A 140 -7.10 -1.52 3.42
N PRO A 141 -7.46 -0.98 4.59
CA PRO A 141 -6.52 -0.77 5.70
C PRO A 141 -5.87 -2.06 6.17
N CYS A 142 -4.58 -1.96 6.46
CA CYS A 142 -3.79 -2.97 7.13
C CYS A 142 -2.88 -2.27 8.13
N TYR A 143 -2.43 -3.02 9.12
CA TYR A 143 -1.79 -2.44 10.30
C TYR A 143 -0.59 -3.26 10.71
N ARG A 144 0.54 -2.60 10.92
CA ARG A 144 1.76 -3.25 11.41
C ARG A 144 2.53 -2.30 12.31
N LYS A 145 3.01 -2.80 13.44
CA LYS A 145 3.89 -1.99 14.25
C LYS A 145 5.22 -1.92 13.51
N GLU A 146 5.72 -0.71 13.33
CA GLU A 146 6.94 -0.50 12.57
C GLU A 146 7.83 0.47 13.33
N SER A 147 9.13 0.35 13.10
CA SER A 147 10.05 1.39 13.53
C SER A 147 9.78 2.59 12.65
N ASP A 148 10.06 3.78 13.17
CA ASP A 148 9.79 5.00 12.41
C ASP A 148 10.65 4.99 11.15
N GLY A 149 10.02 5.18 10.00
CA GLY A 149 10.75 5.14 8.75
C GLY A 149 10.05 5.96 7.68
N LYS A 150 10.77 6.31 6.63
CA LYS A 150 10.22 7.14 5.57
C LYS A 150 9.45 6.31 4.54
N GLU A 151 9.54 4.98 4.62
CA GLU A 151 8.86 4.10 3.67
C GLU A 151 7.84 3.20 4.35
N HIS A 152 7.65 3.37 5.67
CA HIS A 152 6.72 2.53 6.42
C HIS A 152 5.73 3.35 7.24
N LEU A 153 4.52 2.84 7.30
CA LEU A 153 3.42 3.38 8.10
C LEU A 153 2.90 2.28 9.01
N GLU A 154 2.37 2.65 10.16
CA GLU A 154 1.70 1.69 11.01
C GLU A 154 0.30 1.40 10.50
N GLU A 155 -0.32 2.41 9.91
CA GLU A 155 -1.62 2.31 9.30
C GLU A 155 -1.48 2.59 7.83
N PHE A 156 -1.63 1.57 7.01
CA PHE A 156 -1.44 1.68 5.57
C PHE A 156 -2.58 1.03 4.82
N THR A 157 -2.48 1.00 3.50
CA THR A 157 -3.56 0.52 2.66
C THR A 157 -2.97 -0.46 1.68
N MET A 158 -3.52 -1.68 1.66
CA MET A 158 -3.04 -2.72 0.79
CA MET A 158 -3.02 -2.72 0.78
C MET A 158 -4.02 -3.03 -0.29
N LEU A 159 -3.50 -3.30 -1.49
CA LEU A 159 -4.18 -3.97 -2.57
C LEU A 159 -3.65 -5.38 -2.59
N ASN A 160 -4.54 -6.36 -2.68
CA ASN A 160 -4.13 -7.72 -2.96
CA ASN A 160 -4.15 -7.73 -2.97
C ASN A 160 -5.06 -8.24 -4.05
N PHE A 161 -4.50 -8.71 -5.16
CA PHE A 161 -5.30 -9.38 -6.17
C PHE A 161 -4.84 -10.84 -6.24
N CYS A 162 -5.72 -11.72 -6.69
N CYS A 162 -5.76 -11.70 -6.65
CA CYS A 162 -5.31 -13.07 -6.94
CA CYS A 162 -5.57 -13.15 -6.73
C CYS A 162 -6.25 -13.75 -7.88
C CYS A 162 -6.25 -13.70 -7.98
N GLN A 163 -5.69 -14.76 -8.54
CA GLN A 163 -6.40 -15.58 -9.51
C GLN A 163 -6.17 -17.02 -9.12
N MET A 164 -7.19 -17.85 -9.35
CA MET A 164 -7.14 -19.25 -8.95
C MET A 164 -7.76 -20.11 -10.04
N GLY A 165 -7.06 -21.18 -10.40
CA GLY A 165 -7.50 -22.10 -11.43
C GLY A 165 -6.54 -22.12 -12.58
N SER A 166 -7.07 -21.90 -13.78
CA SER A 166 -6.26 -21.81 -14.97
C SER A 166 -5.60 -20.43 -15.04
N GLY A 167 -4.53 -20.35 -15.84
CA GLY A 167 -3.83 -19.09 -16.07
C GLY A 167 -2.93 -18.64 -14.94
N CYS A 168 -2.58 -19.54 -14.05
CA CYS A 168 -1.85 -19.20 -12.90
C CYS A 168 -0.38 -19.50 -13.04
N THR A 169 0.23 -18.75 -13.94
CA THR A 169 1.62 -18.92 -14.27
C THR A 169 2.42 -17.68 -13.89
N ARG A 170 3.73 -17.83 -13.85
CA ARG A 170 4.56 -16.71 -13.53
C ARG A 170 4.42 -15.64 -14.61
N GLU A 171 4.31 -16.07 -15.86
CA GLU A 171 4.19 -15.15 -16.97
C GLU A 171 2.91 -14.32 -16.87
N ASN A 172 1.80 -14.95 -16.56
CA ASN A 172 0.56 -14.22 -16.39
C ASN A 172 0.56 -13.28 -15.17
N LEU A 173 1.19 -13.72 -14.10
CA LEU A 173 1.31 -12.85 -12.95
C LEU A 173 2.12 -11.62 -13.28
N GLU A 174 3.26 -11.82 -13.94
CA GLU A 174 4.06 -10.65 -14.30
C GLU A 174 3.32 -9.76 -15.29
N SER A 175 2.57 -10.38 -16.20
CA SER A 175 1.81 -9.61 -17.18
C SER A 175 0.73 -8.72 -16.51
N ILE A 176 0.02 -9.26 -15.53
CA ILE A 176 -0.97 -8.50 -14.80
C ILE A 176 -0.30 -7.33 -14.09
N ILE A 177 0.81 -7.61 -13.42
CA ILE A 177 1.54 -6.56 -12.72
C ILE A 177 1.98 -5.48 -13.70
N THR A 178 2.48 -5.88 -14.86
CA THR A 178 2.96 -4.94 -15.85
C THR A 178 1.84 -4.06 -16.38
N ASP A 179 0.71 -4.67 -16.73
CA ASP A 179 -0.44 -3.91 -17.20
C ASP A 179 -0.93 -2.91 -16.13
N PHE A 180 -0.96 -3.37 -14.89
CA PHE A 180 -1.39 -2.55 -13.77
C PHE A 180 -0.49 -1.33 -13.56
N LEU A 181 0.82 -1.54 -13.49
CA LEU A 181 1.71 -0.42 -13.22
C LEU A 181 1.86 0.47 -14.45
N ASN A 182 1.67 -0.09 -15.62
N ASN A 182 1.72 -0.10 -15.64
CA ASN A 182 1.66 0.70 -16.82
CA ASN A 182 1.68 0.73 -16.83
C ASN A 182 0.46 1.63 -16.82
C ASN A 182 0.48 1.68 -16.75
N HIS A 183 -0.62 1.17 -16.23
CA HIS A 183 -1.86 1.94 -16.19
C HIS A 183 -1.68 3.11 -15.19
N LEU A 184 -0.95 2.85 -14.12
CA LEU A 184 -0.65 3.88 -13.12
C LEU A 184 0.52 4.78 -13.50
N GLY A 185 1.24 4.41 -14.56
CA GLY A 185 2.37 5.20 -15.02
C GLY A 185 3.60 5.06 -14.15
N ILE A 186 3.82 3.87 -13.63
CA ILE A 186 4.95 3.60 -12.74
C ILE A 186 5.89 2.57 -13.33
N ASP A 187 7.16 2.95 -13.47
CA ASP A 187 8.20 2.04 -13.91
C ASP A 187 8.65 1.13 -12.78
N PHE A 188 9.03 -0.10 -13.11
CA PHE A 188 9.45 -1.04 -12.09
C PHE A 188 10.35 -2.10 -12.67
N LYS A 189 10.97 -2.87 -11.78
CA LYS A 189 11.64 -4.10 -12.17
C LYS A 189 11.18 -5.23 -11.25
N ILE A 190 11.38 -6.47 -11.71
CA ILE A 190 11.10 -7.66 -10.91
C ILE A 190 12.40 -8.29 -10.44
N VAL A 191 12.46 -8.60 -9.15
CA VAL A 191 13.61 -9.28 -8.57
C VAL A 191 13.08 -10.47 -7.78
N GLY A 192 13.67 -11.63 -8.01
CA GLY A 192 13.31 -12.79 -7.22
C GLY A 192 13.77 -12.63 -5.78
N ASP A 193 12.92 -13.03 -4.85
CA ASP A 193 13.26 -12.94 -3.44
C ASP A 193 12.48 -14.05 -2.74
N SER A 194 12.33 -13.96 -1.42
CA SER A 194 11.54 -14.94 -0.71
C SER A 194 11.14 -14.40 0.64
N CYS A 195 10.13 -15.01 1.23
CA CYS A 195 9.74 -14.77 2.60
C CYS A 195 9.29 -16.06 3.21
N MET A 196 9.26 -16.12 4.53
CA MET A 196 8.97 -17.36 5.20
C MET A 196 7.50 -17.76 5.16
N VAL A 197 6.61 -16.79 5.01
CA VAL A 197 5.20 -17.14 4.93
C VAL A 197 4.86 -17.80 3.60
N PHE A 198 5.33 -17.25 2.48
CA PHE A 198 4.91 -17.74 1.17
C PHE A 198 5.95 -18.54 0.39
N GLY A 199 7.20 -18.49 0.80
CA GLY A 199 8.29 -19.09 0.03
C GLY A 199 8.89 -18.07 -0.92
N ASP A 200 9.27 -18.53 -2.11
CA ASP A 200 9.87 -17.64 -3.09
C ASP A 200 8.85 -16.63 -3.57
N THR A 201 9.32 -15.41 -3.77
CA THR A 201 8.47 -14.33 -4.26
C THR A 201 9.10 -13.64 -5.45
N LEU A 202 8.30 -12.84 -6.11
CA LEU A 202 8.74 -11.86 -7.08
C LEU A 202 8.47 -10.51 -6.46
N ASP A 203 9.54 -9.76 -6.24
CA ASP A 203 9.41 -8.44 -5.63
C ASP A 203 9.44 -7.41 -6.72
N VAL A 204 8.45 -6.51 -6.67
CA VAL A 204 8.25 -5.48 -7.65
C VAL A 204 8.89 -4.20 -7.08
N MET A 205 9.97 -3.76 -7.70
CA MET A 205 10.78 -2.68 -7.15
C MET A 205 10.75 -1.46 -8.02
N HIS A 206 10.73 -0.30 -7.36
CA HIS A 206 10.97 0.97 -8.03
C HIS A 206 12.24 1.50 -7.38
N GLY A 207 13.36 1.42 -8.09
CA GLY A 207 14.63 1.65 -7.45
C GLY A 207 14.80 0.69 -6.29
N ASP A 208 15.16 1.22 -5.12
CA ASP A 208 15.31 0.40 -3.92
C ASP A 208 14.02 0.25 -3.12
N LEU A 209 12.91 0.78 -3.64
CA LEU A 209 11.63 0.75 -2.92
C LEU A 209 10.76 -0.39 -3.41
N GLU A 210 10.35 -1.23 -2.48
CA GLU A 210 9.47 -2.35 -2.78
C GLU A 210 8.02 -1.86 -2.88
N LEU A 211 7.43 -2.04 -4.05
CA LEU A 211 6.03 -1.71 -4.28
C LEU A 211 5.12 -2.89 -3.94
N SER A 212 5.62 -4.10 -4.17
CA SER A 212 4.80 -5.30 -4.04
C SER A 212 5.65 -6.54 -3.87
N SER A 213 5.09 -7.55 -3.22
CA SER A 213 5.59 -8.92 -3.35
C SER A 213 4.49 -9.77 -3.96
N ALA A 214 4.87 -10.63 -4.87
CA ALA A 214 3.96 -11.47 -5.63
C ALA A 214 4.38 -12.94 -5.49
N VAL A 215 3.40 -13.83 -5.59
CA VAL A 215 3.59 -15.27 -5.34
C VAL A 215 2.93 -16.07 -6.44
N VAL A 216 3.64 -17.07 -6.91
CA VAL A 216 3.07 -18.11 -7.77
C VAL A 216 2.84 -19.35 -6.93
N GLY A 217 1.58 -19.66 -6.68
CA GLY A 217 1.21 -20.87 -5.97
C GLY A 217 1.16 -22.01 -6.95
N PRO A 218 0.75 -23.17 -6.48
CA PRO A 218 0.37 -23.48 -5.11
C PRO A 218 1.57 -23.52 -4.17
N ILE A 219 1.28 -23.41 -2.88
CA ILE A 219 2.28 -23.55 -1.84
C ILE A 219 1.75 -24.48 -0.73
N PRO A 220 2.64 -25.04 0.09
CA PRO A 220 2.17 -25.98 1.12
C PRO A 220 1.12 -25.39 2.06
N LEU A 221 1.28 -24.11 2.36
CA LEU A 221 0.38 -23.41 3.27
C LEU A 221 -1.08 -23.47 2.83
N ASP A 222 -1.30 -23.61 1.52
CA ASP A 222 -2.66 -23.71 0.98
C ASP A 222 -3.50 -24.76 1.70
N ARG A 223 -2.87 -25.84 2.13
CA ARG A 223 -3.57 -26.92 2.82
C ARG A 223 -4.28 -26.45 4.08
N GLU A 224 -3.68 -25.49 4.78
CA GLU A 224 -4.26 -24.99 6.02
C GLU A 224 -5.48 -24.10 5.78
N TRP A 225 -5.71 -23.75 4.51
CA TRP A 225 -6.76 -22.83 4.12
C TRP A 225 -7.78 -23.49 3.20
N GLY A 226 -7.67 -24.81 3.00
CA GLY A 226 -8.64 -25.51 2.17
C GLY A 226 -8.52 -25.19 0.70
N ILE A 227 -7.33 -24.74 0.29
CA ILE A 227 -7.05 -24.40 -1.11
C ILE A 227 -6.24 -25.53 -1.72
N ASP A 228 -6.70 -26.03 -2.86
CA ASP A 228 -5.99 -27.12 -3.53
C ASP A 228 -5.83 -26.91 -5.03
N LYS A 229 -6.00 -25.67 -5.48
CA LYS A 229 -5.81 -25.31 -6.88
C LYS A 229 -4.61 -24.38 -7.02
N PRO A 230 -4.08 -24.28 -8.24
CA PRO A 230 -3.03 -23.30 -8.50
C PRO A 230 -3.60 -21.91 -8.32
N TRP A 231 -2.74 -20.95 -7.98
CA TRP A 231 -3.15 -19.57 -7.82
C TRP A 231 -1.93 -18.68 -7.97
N ILE A 232 -2.18 -17.41 -8.24
CA ILE A 232 -1.17 -16.38 -8.32
C ILE A 232 -1.74 -15.16 -7.62
N GLY A 233 -0.88 -14.32 -7.08
CA GLY A 233 -1.39 -13.15 -6.40
C GLY A 233 -0.26 -12.19 -6.06
N ALA A 234 -0.64 -10.97 -5.70
CA ALA A 234 0.32 -9.93 -5.35
C ALA A 234 -0.30 -8.94 -4.38
N GLY A 235 0.53 -8.44 -3.47
CA GLY A 235 0.12 -7.39 -2.54
C GLY A 235 0.94 -6.14 -2.77
N PHE A 236 0.23 -5.01 -2.86
CA PHE A 236 0.82 -3.70 -3.14
C PHE A 236 0.44 -2.72 -2.04
N GLY A 237 1.37 -1.85 -1.65
CA GLY A 237 1.02 -0.76 -0.74
C GLY A 237 0.62 0.51 -1.49
N LEU A 238 -0.61 0.99 -1.28
CA LEU A 238 -1.09 2.17 -2.02
C LEU A 238 -0.30 3.42 -1.70
N GLU A 239 0.09 3.59 -0.43
CA GLU A 239 0.88 4.77 -0.07
C GLU A 239 2.25 4.75 -0.76
N ARG A 240 2.83 3.58 -0.94
CA ARG A 240 4.06 3.47 -1.69
C ARG A 240 3.86 3.81 -3.15
N LEU A 241 2.77 3.35 -3.73
CA LEU A 241 2.46 3.73 -5.11
C LEU A 241 2.30 5.24 -5.22
N LEU A 242 1.60 5.84 -4.26
CA LEU A 242 1.43 7.29 -4.25
C LEU A 242 2.75 8.02 -4.08
N LYS A 243 3.59 7.55 -3.21
CA LYS A 243 4.92 8.11 -2.94
C LYS A 243 5.67 8.22 -4.24
N VAL A 244 5.70 7.15 -5.01
CA VAL A 244 6.42 7.16 -6.28
C VAL A 244 5.76 8.08 -7.32
N LYS A 245 4.46 8.02 -7.41
CA LYS A 245 3.72 8.82 -8.34
C LYS A 245 3.87 10.32 -8.13
N HIS A 246 3.97 10.73 -6.90
CA HIS A 246 3.97 12.16 -6.54
C HIS A 246 5.34 12.64 -6.08
N ASP A 247 6.29 11.72 -6.03
CA ASP A 247 7.66 12.01 -5.61
C ASP A 247 7.70 12.54 -4.16
N PHE A 248 6.89 11.96 -3.28
CA PHE A 248 6.98 12.30 -1.87
C PHE A 248 8.20 11.62 -1.27
N LYS A 249 8.97 12.34 -0.51
CA LYS A 249 10.12 11.77 0.11
C LYS A 249 9.73 10.93 1.31
N ASN A 250 8.74 11.37 2.05
CA ASN A 250 8.31 10.65 3.21
C ASN A 250 6.90 10.11 2.99
N ILE A 251 6.74 8.83 3.25
CA ILE A 251 5.46 8.18 3.01
C ILE A 251 4.32 8.76 3.85
N LYS A 252 4.63 9.47 4.90
CA LYS A 252 3.61 10.09 5.71
C LYS A 252 2.77 11.10 4.93
N ARG A 253 3.33 11.61 3.86
CA ARG A 253 2.63 12.53 2.99
C ARG A 253 1.52 11.87 2.21
N ALA A 254 1.59 10.55 2.11
CA ALA A 254 0.65 9.76 1.33
C ALA A 254 -0.39 9.06 2.19
N ALA A 255 -0.27 9.19 3.50
CA ALA A 255 -1.04 8.40 4.45
C ALA A 255 -2.37 9.03 4.84
N ARG A 256 -3.25 8.22 5.35
CA ARG A 256 -4.33 8.69 6.20
C ARG A 256 -3.72 9.53 7.29
N SER A 257 -4.18 10.76 7.47
CA SER A 257 -3.46 11.65 8.37
C SER A 257 -4.28 12.87 8.68
N GLU A 258 -4.01 13.47 9.83
CA GLU A 258 -4.47 14.81 10.14
C GLU A 258 -3.38 15.87 9.95
N SER A 259 -2.17 15.44 9.59
CA SER A 259 -1.01 16.35 9.44
C SER A 259 -0.69 16.68 7.98
N TYR A 260 -1.14 15.82 7.07
CA TYR A 260 -0.93 16.01 5.65
C TYR A 260 -2.21 15.66 4.91
N TYR A 261 -2.51 16.48 3.90
CA TYR A 261 -3.66 16.26 3.03
C TYR A 261 -3.12 16.32 1.59
N ASN A 262 -3.16 15.23 0.87
CA ASN A 262 -2.66 15.23 -0.49
C ASN A 262 -1.22 15.72 -0.52
N GLY A 263 -0.47 15.32 0.47
CA GLY A 263 0.94 15.66 0.54
C GLY A 263 1.24 17.06 1.03
N ILE A 264 0.22 17.80 1.40
CA ILE A 264 0.35 19.20 1.83
C ILE A 264 0.15 19.25 3.32
N SER A 265 1.05 19.94 4.03
CA SER A 265 0.86 20.14 5.46
C SER A 265 -0.47 20.79 5.78
N THR A 266 -1.14 20.26 6.78
CA THR A 266 -2.35 20.87 7.26
C THR A 266 -2.09 21.82 8.44
N ASN A 267 -0.84 21.99 8.84
CA ASN A 267 -0.51 22.80 9.97
C ASN A 267 0.03 24.13 9.52
N LEU A 268 -0.86 25.00 9.10
CA LEU A 268 -0.52 26.19 8.33
C LEU A 268 -0.60 27.48 9.15
N HIS A 269 -0.45 27.33 10.46
CA HIS A 269 -0.26 28.47 11.36
C HIS A 269 1.20 28.90 11.31
N HIS A 270 1.49 30.10 11.81
CA HIS A 270 2.86 30.60 11.86
C HIS A 270 3.55 29.99 13.07
PG ANP B . 9.10 -4.11 3.56
O1G ANP B . 9.29 -2.86 2.64
O2G ANP B . 8.55 -3.77 4.98
O3G ANP B . 10.40 -4.87 3.71
PB ANP B . 7.26 -6.37 3.34
O1B ANP B . 7.93 -7.60 2.83
O2B ANP B . 7.21 -6.31 4.88
N3B ANP B . 7.98 -5.03 2.66
PA ANP B . 4.70 -7.41 2.44
O1A ANP B . 4.42 -8.07 3.76
O2A ANP B . 5.14 -8.25 1.29
O3A ANP B . 5.79 -6.26 2.78
O5' ANP B . 3.51 -6.47 2.01
C5' ANP B . 3.17 -6.21 0.62
C4' ANP B . 3.33 -4.74 0.33
O4' ANP B . 2.66 -3.96 1.32
C3' ANP B . 4.76 -4.21 0.35
O3' ANP B . 5.46 -4.44 -0.87
C2' ANP B . 4.52 -2.71 0.56
O2' ANP B . 4.22 -2.08 -0.67
C1' ANP B . 3.31 -2.71 1.48
N9 ANP B . 3.66 -2.53 2.89
C8 ANP B . 4.05 -3.48 3.79
N7 ANP B . 4.28 -3.01 4.99
C5 ANP B . 4.03 -1.66 4.87
C6 ANP B . 4.08 -0.59 5.79
N6 ANP B . 4.41 -0.74 7.08
N1 ANP B . 3.78 0.64 5.35
C2 ANP B . 3.42 0.79 4.07
N3 ANP B . 3.33 -0.13 3.12
C4 ANP B . 3.64 -1.34 3.58
HNB1 ANP B . 7.35 -4.47 2.32
H5'1 ANP B . 3.73 -6.72 0.03
H5'2 ANP B . 2.24 -6.46 0.47
H4' ANP B . 2.93 -4.52 -0.54
H3' ANP B . 5.22 -4.58 1.11
HO3' ANP B . 5.73 -5.29 -0.89
H2' ANP B . 5.27 -2.30 1.01
HO2' ANP B . 4.27 -2.67 -1.34
H1' ANP B . 2.72 -2.00 1.19
H8 ANP B . 4.13 -4.41 3.57
HN61 ANP B . 4.20 -0.07 7.68
HN62 ANP B . 4.81 -1.50 7.37
H2 ANP B . 3.20 1.70 3.81
C1 EDO C . -7.66 3.92 2.05
O1 EDO C . -8.24 2.95 2.93
C2 EDO C . -8.52 5.15 1.82
O2 EDO C . -9.88 4.79 1.53
H11 EDO C . -7.46 3.46 1.09
H12 EDO C . -6.70 4.24 2.46
HO1 EDO C . -7.64 2.20 3.03
H21 EDO C . -8.13 5.73 0.98
H22 EDO C . -8.50 5.79 2.70
HO2 EDO C . -10.47 5.53 1.71
C1 EDO D . -4.57 9.23 -7.98
O1 EDO D . -3.71 8.37 -8.71
C2 EDO D . -3.70 10.14 -7.14
O2 EDO D . -2.64 10.64 -7.95
H11 EDO D . -5.24 8.66 -7.35
H12 EDO D . -5.17 9.84 -8.68
HO1 EDO D . -4.23 7.78 -9.27
H21 EDO D . -3.29 9.57 -6.31
H22 EDO D . -4.29 10.97 -6.75
HO2 EDO D . -1.80 10.36 -7.58
C1 EDO E . -4.08 -17.14 -1.68
O1 EDO E . -4.28 -17.63 -0.36
C2 EDO E . -4.74 -15.78 -1.70
O2 EDO E . -4.19 -14.96 -0.65
H11 EDO E . -4.53 -17.80 -2.42
H12 EDO E . -3.01 -17.04 -1.90
HO1 EDO E . -3.90 -18.52 -0.29
H21 EDO E . -5.82 -15.89 -1.56
H22 EDO E . -4.56 -15.31 -2.67
HO2 EDO E . -4.62 -14.10 -0.67
C1 EDO F . -2.21 -19.81 1.58
O1 EDO F . -3.11 -19.85 0.47
C2 EDO F . -2.64 -18.63 2.44
O2 EDO F . -2.50 -17.43 1.68
H11 EDO F . -1.19 -19.67 1.25
H12 EDO F . -2.27 -20.74 2.15
HO1 EDO F . -2.86 -20.59 -0.11
H21 EDO F . -2.03 -18.59 3.34
H22 EDO F . -3.69 -18.76 2.74
HO2 EDO F . -2.77 -16.67 2.22
C1 EDO G . -1.85 -13.22 -2.50
O1 EDO G . -3.07 -13.36 -1.79
C2 EDO G . -0.71 -13.19 -1.50
O2 EDO G . 0.30 -12.31 -2.01
H11 EDO G . -1.86 -12.29 -3.09
H12 EDO G . -1.73 -14.05 -3.19
HO1 EDO G . -3.82 -13.33 -2.40
H21 EDO G . -0.30 -14.21 -1.39
H22 EDO G . -1.06 -12.85 -0.54
HO2 EDO G . 1.04 -12.29 -1.39
C1 EDO H . -0.73 -14.45 16.86
O1 EDO H . -1.06 -15.34 17.93
C2 EDO H . 0.71 -13.99 17.00
O2 EDO H . 1.53 -15.07 16.59
H11 EDO H . -1.40 -13.59 16.88
H12 EDO H . -0.87 -14.97 15.91
HO1 EDO H . -1.97 -15.63 17.85
H21 EDO H . 0.92 -13.73 18.03
H22 EDO H . 0.89 -13.12 16.36
HO2 EDO H . 2.45 -14.77 16.51
C1 EDO I . 6.21 -21.82 2.98
O1 EDO I . 7.15 -22.38 2.08
C2 EDO I . 4.85 -21.73 2.28
O2 EDO I . 4.12 -22.93 2.51
H11 EDO I . 6.53 -20.82 3.29
H12 EDO I . 6.12 -22.44 3.87
HO1 EDO I . 8.02 -22.45 2.51
H21 EDO I . 5.01 -21.60 1.20
H22 EDO I . 4.29 -20.89 2.65
HO2 EDO I . 3.47 -23.02 1.79
C1 EDO J . -0.59 -10.74 1.98
O1 EDO J . -1.74 -9.88 1.99
C2 EDO J . 0.66 -9.90 1.90
O2 EDO J . 0.59 -9.16 0.68
H11 EDO J . -0.65 -11.41 1.11
H12 EDO J . -0.59 -11.35 2.88
HO1 EDO J . -1.64 -9.19 1.32
H21 EDO J . 1.54 -10.55 1.87
H22 EDO J . 0.73 -9.22 2.75
HO2 EDO J . 1.38 -8.61 0.59
C1 EDO K . 7.37 -16.61 -6.87
O1 EDO K . 6.32 -17.33 -6.22
C2 EDO K . 7.97 -17.45 -7.98
O2 EDO K . 8.15 -18.76 -7.45
H11 EDO K . 8.15 -16.34 -6.15
H12 EDO K . 6.96 -15.69 -7.29
HO1 EDO K . 6.04 -16.85 -5.43
H21 EDO K . 8.93 -17.03 -8.30
H22 EDO K . 7.29 -17.48 -8.84
HO2 EDO K . 8.53 -19.33 -8.13
C1 EDO L . -10.97 8.34 -10.40
O1 EDO L . -10.56 9.62 -10.85
C2 EDO L . -12.29 8.45 -9.68
O2 EDO L . -12.10 9.19 -8.48
H11 EDO L . -10.22 7.93 -9.72
H12 EDO L . -11.07 7.65 -11.24
HO1 EDO L . -9.71 9.54 -11.31
H21 EDO L . -12.68 7.46 -9.44
H22 EDO L . -13.02 8.97 -10.31
HO2 EDO L . -12.95 9.35 -8.06
C1 EDO M . 9.85 8.07 -4.28
O1 EDO M . 9.85 7.31 -3.07
C2 EDO M . 10.23 9.49 -3.93
O2 EDO M . 11.13 9.49 -2.83
H11 EDO M . 8.85 8.05 -4.72
H12 EDO M . 10.55 7.64 -4.99
HO1 EDO M . 9.61 6.39 -3.26
H21 EDO M . 9.34 10.08 -3.72
H22 EDO M . 10.73 9.94 -4.80
HO2 EDO M . 11.49 10.37 -2.68
C1 EDO N . -16.09 -13.05 -15.70
O1 EDO N . -15.78 -12.48 -16.97
C2 EDO N . -15.24 -12.36 -14.64
O2 EDO N . -13.91 -12.87 -14.61
H11 EDO N . -15.87 -14.13 -15.71
H12 EDO N . -17.15 -12.92 -15.47
HO1 EDO N . -16.31 -12.91 -17.66
H21 EDO N . -15.70 -12.50 -13.66
H22 EDO N . -15.21 -11.29 -14.85
HO2 EDO N . -13.39 -12.40 -13.92
C1 EDO O . -2.15 -23.27 -13.41
O1 EDO O . -3.16 -22.39 -13.94
C2 EDO O . -0.97 -23.44 -14.37
O2 EDO O . -1.46 -23.88 -15.64
H11 EDO O . -2.59 -24.26 -13.22
H12 EDO O . -1.78 -22.88 -12.47
HO1 EDO O . -3.86 -22.29 -13.28
H21 EDO O . -0.26 -24.16 -13.97
H22 EDO O . -0.45 -22.48 -14.49
HO2 EDO O . -0.72 -23.98 -16.26
C1 EDO P . -9.01 12.97 -13.31
O1 EDO P . -8.71 11.57 -13.25
C2 EDO P . -7.73 13.79 -13.35
O2 EDO P . -6.63 12.96 -12.96
H11 EDO P . -9.59 13.25 -12.43
H12 EDO P . -9.61 13.18 -14.19
HO1 EDO P . -9.53 11.06 -13.24
H21 EDO P . -7.81 14.65 -12.69
H22 EDO P . -7.57 14.16 -14.36
HO2 EDO P . -5.80 13.48 -12.99
C1 EDO Q . 3.69 17.73 10.30
O1 EDO Q . 3.07 18.24 11.48
C2 EDO Q . 3.40 18.65 9.13
O2 EDO Q . 1.99 18.96 9.10
H11 EDO Q . 3.32 16.73 10.10
H12 EDO Q . 4.77 17.67 10.46
HO1 EDO Q . 3.25 17.66 12.24
H21 EDO Q . 3.68 18.18 8.19
H22 EDO Q . 3.97 19.57 9.24
HO2 EDO Q . 1.81 19.54 8.34
C1 EDO R . 0.54 5.60 11.00
O1 EDO R . 0.26 5.50 9.59
C2 EDO R . 1.90 6.26 11.24
O2 EDO R . 2.92 5.33 10.90
H11 EDO R . 0.53 4.61 11.44
H12 EDO R . -0.24 6.19 11.49
HO1 EDO R . -0.65 5.23 9.46
H21 EDO R . 1.99 6.56 12.29
H22 EDO R . 2.00 7.16 10.63
HO2 EDO R . 3.79 5.73 11.06
C1 EDO S . 1.08 33.36 4.80
O1 EDO S . -0.05 32.82 4.12
C2 EDO S . 0.63 34.37 5.84
O2 EDO S . -0.24 33.71 6.76
H11 EDO S . 1.75 33.85 4.08
H12 EDO S . 1.64 32.56 5.28
HO1 EDO S . 0.24 32.18 3.46
H21 EDO S . 0.10 35.19 5.35
H22 EDO S . 1.49 34.79 6.36
HO2 EDO S . -0.55 34.35 7.42
C1 EDO T . -5.45 -12.24 -16.23
O1 EDO T . -5.93 -13.55 -15.98
C2 EDO T . -6.41 -11.25 -15.59
O2 EDO T . -7.23 -10.66 -16.60
H11 EDO T . -5.40 -12.06 -17.31
H12 EDO T . -4.44 -12.11 -15.82
HO1 EDO T . -5.46 -14.18 -16.54
H21 EDO T . -5.84 -10.47 -15.08
H22 EDO T . -7.02 -11.76 -14.85
HO2 EDO T . -7.93 -11.28 -16.86
C1 EDO U . -2.80 11.43 0.36
O1 EDO U . -1.70 12.36 0.33
C2 EDO U . -3.44 11.44 1.71
O2 EDO U . -4.10 12.69 1.96
H11 EDO U . -2.44 10.42 0.12
H12 EDO U . -3.54 11.71 -0.40
HO1 EDO U . -1.29 12.35 -0.55
H21 EDO U . -2.68 11.27 2.47
H22 EDO U . -4.18 10.63 1.77
HO2 EDO U . -4.51 12.66 2.84
C1 EDO V . 11.74 -0.27 2.37
O1 EDO V . 11.76 -1.54 3.03
C2 EDO V . 12.30 -0.47 0.98
O2 EDO V . 11.45 -1.35 0.23
H11 EDO V . 12.35 0.44 2.93
H12 EDO V . 10.71 0.11 2.32
HO1 EDO V . 11.57 -1.43 3.97
H21 EDO V . 13.30 -0.91 1.04
H22 EDO V . 12.38 0.49 0.47
HO2 EDO V . 11.92 -1.67 -0.55
MG MG W . 7.41 -8.13 0.52
MG MG X . 7.96 -5.13 6.50
O2S AXZ Y . 3.16 -12.57 5.26
S AXZ Y . 3.32 -11.10 5.20
O1S AXZ Y . 2.28 -10.42 4.36
C1 AXZ Y . 3.14 -10.50 6.85
C2 AXZ Y . 2.37 -11.20 7.73
C6 AXZ Y . 3.85 -9.24 7.25
C5 AXZ Y . 3.72 -8.77 8.50
C4 AXZ Y . 2.85 -9.52 9.49
C3 AXZ Y . 2.22 -10.65 9.14
C7 AXZ Y . 2.74 -8.97 10.89
N AXZ Y . 4.81 -10.63 4.64
CA AXZ Y . 5.85 -11.23 5.38
CB AXZ Y . 6.16 -12.52 4.68
C AXZ Y . 7.12 -10.44 5.22
O AXZ Y . 7.96 -10.33 6.16
OXT AXZ Y . 7.37 -9.88 4.11
O9 AXZ Y . 6.76 -13.45 5.52
H2S1 AXZ Y . 3.01 -12.89 4.45
H1S1 AXZ Y . 2.00 -11.00 3.72
H21 AXZ Y . 1.89 -12.07 7.44
H61 AXZ Y . 4.38 -8.77 6.60
H51 AXZ Y . 4.18 -7.93 8.77
H31 AXZ Y . 1.66 -11.15 9.81
H71 AXZ Y . 3.37 -9.43 11.47
H72 AXZ Y . 2.93 -8.03 10.88
H AXZ Y . 4.89 -10.90 3.75
HA AXZ Y . 5.62 -11.38 6.34
HB2 AXZ Y . 5.35 -12.89 4.29
HB3 AXZ Y . 6.77 -12.28 3.99
H91 AXZ Y . 7.20 -14.07 5.00
P PO4 Z . -16.24 -22.51 4.55
O1 PO4 Z . -16.49 -23.48 5.69
O2 PO4 Z . -15.40 -23.16 3.47
O3 PO4 Z . -17.60 -22.17 3.99
O4 PO4 Z . -15.58 -21.26 5.08
#